data_7PQ3
#
_entry.id   7PQ3
#
_cell.length_a   56.731
_cell.length_b   56.731
_cell.length_c   361.469
_cell.angle_alpha   90.000
_cell.angle_beta   90.000
_cell.angle_gamma   90.000
#
_symmetry.space_group_name_H-M   'P 41 21 2'
#
loop_
_entity.id
_entity.type
_entity.pdbx_description
1 polymer 'CRISPR-associated protein, APE2256 family'
2 non-polymer "3'-O-[(R)-{[(2S,3aS,4S,6S,6aS)-6-(6-amino-9H-purin-9-yl)-2-hydroxy-2-oxotetrahydro-2H-2lambda~5~-furo[3,4-d][1,3,2]dioxaphosphol-4-yl]methoxy}(hydroxy)phosphoryl]adenosine"
#
_entity_poly.entity_id   1
_entity_poly.type   'polypeptide(L)'
_entity_poly.pdbx_seq_one_letter_code
;MNKVHVSAVGTSLLKNSLSADNVKKEVEDLGLKDWDRLKFDDDRQNKIRDNFTTLKDLLLNFLKSKGKEASAELDSLLSA
IEKLQHKKEELYVFLYTTNTWNSKLAGEVIKNYLEEEGIKSELATVKSISSEETFHEGIEDLFDKVIYKILKFKEEGKEV
YINATAGLKPETTFLTLAGLLAGADLVYYKYQEFNDVVFLPSPPITISPRYLEWLIEFANYGYTLSEKKAEELGIPVRLL
EVRNLVERKGEDAYRLKDWVRKMLGIYLGSEFELE
;
_entity_poly.pdbx_strand_id   AAA,BBB
#
# COMPACT_ATOMS: atom_id res chain seq x y z
N MET A 1 -12.78 -25.47 -4.38
CA MET A 1 -12.53 -24.00 -4.14
C MET A 1 -11.28 -23.84 -3.28
N ASN A 2 -10.19 -24.48 -3.69
CA ASN A 2 -8.88 -24.54 -2.99
C ASN A 2 -7.98 -23.45 -3.52
N LYS A 3 -8.54 -22.42 -4.17
CA LYS A 3 -7.80 -21.23 -4.64
C LYS A 3 -8.58 -19.97 -4.29
N VAL A 4 -8.32 -19.37 -3.13
CA VAL A 4 -9.08 -18.17 -2.65
C VAL A 4 -8.27 -16.90 -2.94
N HIS A 5 -8.90 -15.89 -3.53
CA HIS A 5 -8.35 -14.55 -3.81
C HIS A 5 -9.05 -13.53 -2.94
N VAL A 6 -8.33 -12.81 -2.09
CA VAL A 6 -8.90 -11.69 -1.28
C VAL A 6 -8.52 -10.37 -1.94
N SER A 7 -9.47 -9.45 -2.01
CA SER A 7 -9.38 -8.12 -2.66
C SER A 7 -10.23 -7.10 -1.88
N ALA A 8 -9.85 -5.85 -1.97
CA ALA A 8 -10.66 -4.72 -1.51
C ALA A 8 -11.50 -4.30 -2.71
N VAL A 9 -12.57 -3.57 -2.48
CA VAL A 9 -13.26 -2.88 -3.61
C VAL A 9 -13.09 -1.37 -3.44
N GLY A 10 -12.85 -0.70 -4.57
CA GLY A 10 -12.83 0.77 -4.66
C GLY A 10 -13.97 1.27 -5.52
N THR A 11 -13.79 2.46 -6.08
CA THR A 11 -14.81 3.18 -6.87
C THR A 11 -14.31 3.25 -8.33
N SER A 12 -13.38 2.38 -8.75
CA SER A 12 -12.90 2.28 -10.14
C SER A 12 -14.08 2.16 -11.12
N LEU A 13 -15.05 1.29 -10.82
CA LEU A 13 -16.20 1.00 -11.75
C LEU A 13 -16.96 2.29 -12.01
N LEU A 14 -17.28 3.01 -10.93
CA LEU A 14 -17.98 4.32 -10.98
C LEU A 14 -17.24 5.26 -11.95
N LYS A 15 -15.92 5.42 -11.76
CA LYS A 15 -15.11 6.46 -12.46
C LYS A 15 -14.98 6.07 -13.94
N ASN A 16 -14.76 4.79 -14.22
CA ASN A 16 -14.57 4.29 -15.61
C ASN A 16 -15.94 4.32 -16.34
N SER A 17 -17.06 4.26 -15.61
CA SER A 17 -18.41 4.17 -16.25
C SER A 17 -18.87 5.53 -16.76
N LEU A 18 -18.19 6.63 -16.43
CA LEU A 18 -18.57 7.97 -16.95
C LEU A 18 -18.12 8.11 -18.41
N SER A 19 -17.57 7.03 -19.00
CA SER A 19 -17.24 6.92 -20.45
C SER A 19 -18.50 6.57 -21.21
N ALA A 20 -19.30 5.65 -20.67
CA ALA A 20 -20.61 5.25 -21.25
C ALA A 20 -21.51 6.49 -21.40
N ASP A 21 -22.13 6.63 -22.57
CA ASP A 21 -23.05 7.73 -22.90
C ASP A 21 -24.22 7.66 -21.92
N ASN A 22 -24.80 6.45 -21.77
CA ASN A 22 -26.03 6.23 -20.98
C ASN A 22 -25.69 6.57 -19.54
N VAL A 23 -24.51 6.17 -19.07
CA VAL A 23 -24.19 6.28 -17.62
C VAL A 23 -23.89 7.75 -17.31
N LYS A 24 -23.08 8.41 -18.12
CA LYS A 24 -22.66 9.81 -17.80
C LYS A 24 -23.92 10.66 -17.60
N LYS A 25 -24.91 10.52 -18.47
CA LYS A 25 -26.12 11.39 -18.51
C LYS A 25 -27.02 11.03 -17.34
N GLU A 26 -27.15 9.75 -17.00
CA GLU A 26 -28.06 9.33 -15.91
C GLU A 26 -27.48 9.75 -14.57
N VAL A 27 -26.16 9.70 -14.44
CA VAL A 27 -25.44 10.11 -13.22
C VAL A 27 -25.47 11.65 -13.10
N GLU A 28 -25.22 12.34 -14.21
CA GLU A 28 -25.26 13.82 -14.29
C GLU A 28 -26.67 14.26 -13.91
N ASP A 29 -27.71 13.46 -14.19
CA ASP A 29 -29.13 13.78 -13.86
C ASP A 29 -29.30 13.86 -12.34
N LEU A 30 -28.73 12.90 -11.62
CA LEU A 30 -28.88 12.77 -10.14
C LEU A 30 -27.88 13.71 -9.47
N GLY A 31 -27.07 14.44 -10.25
CA GLY A 31 -26.07 15.43 -9.79
C GLY A 31 -24.86 14.79 -9.15
N LEU A 32 -24.46 13.59 -9.58
CA LEU A 32 -23.41 12.77 -8.92
C LEU A 32 -22.06 12.90 -9.64
N LYS A 33 -21.65 14.13 -9.96
CA LYS A 33 -20.51 14.42 -10.89
C LYS A 33 -19.28 13.60 -10.47
N ASP A 34 -18.73 13.84 -9.28
CA ASP A 34 -17.50 13.15 -8.82
C ASP A 34 -17.90 12.01 -7.87
N TRP A 35 -18.76 11.09 -8.29
CA TRP A 35 -19.33 10.06 -7.39
C TRP A 35 -18.27 9.01 -7.02
N ASP A 36 -17.20 8.91 -7.80
CA ASP A 36 -16.04 8.02 -7.50
C ASP A 36 -15.14 8.56 -6.38
N ARG A 37 -15.13 9.88 -6.15
CA ARG A 37 -14.24 10.52 -5.15
C ARG A 37 -15.00 11.49 -4.25
N LEU A 38 -15.74 10.98 -3.27
CA LEU A 38 -16.48 11.90 -2.35
C LEU A 38 -16.14 11.53 -0.90
N LYS A 39 -16.39 12.46 0.03
CA LYS A 39 -16.20 12.24 1.48
C LYS A 39 -17.05 11.04 1.89
N PHE A 40 -16.55 10.16 2.74
CA PHE A 40 -17.22 8.90 3.14
C PHE A 40 -18.61 9.21 3.72
N ASP A 41 -18.75 10.36 4.37
CA ASP A 41 -20.04 10.82 4.94
C ASP A 41 -20.51 12.02 4.16
N ASP A 42 -20.72 11.85 2.86
CA ASP A 42 -21.16 12.94 1.96
C ASP A 42 -22.65 12.79 1.69
N ASP A 43 -23.30 13.91 1.40
CA ASP A 43 -24.75 13.97 1.08
C ASP A 43 -24.92 13.14 -0.21
N ARG A 44 -24.05 13.33 -1.20
CA ARG A 44 -24.11 12.63 -2.51
C ARG A 44 -24.10 11.12 -2.29
N GLN A 45 -23.65 10.65 -1.13
CA GLN A 45 -23.55 9.21 -0.82
C GLN A 45 -24.93 8.66 -0.57
N ASN A 46 -25.79 9.45 0.08
CA ASN A 46 -27.23 9.11 0.32
C ASN A 46 -27.96 9.04 -1.03
N LYS A 47 -27.71 10.00 -1.93
CA LYS A 47 -28.19 9.98 -3.34
C LYS A 47 -27.97 8.59 -3.93
N ILE A 48 -26.80 8.02 -3.72
CA ILE A 48 -26.40 6.72 -4.33
C ILE A 48 -27.28 5.60 -3.75
N ARG A 49 -27.65 5.65 -2.47
CA ARG A 49 -28.36 4.51 -1.81
C ARG A 49 -29.85 4.50 -2.14
N ASP A 50 -30.48 5.67 -2.31
CA ASP A 50 -31.94 5.70 -2.65
C ASP A 50 -32.11 5.36 -4.16
N ASN A 51 -31.03 5.47 -4.97
CA ASN A 51 -31.02 5.12 -6.41
C ASN A 51 -30.20 3.87 -6.65
N PHE A 52 -29.94 3.12 -5.59
CA PHE A 52 -28.85 2.10 -5.55
C PHE A 52 -29.09 1.06 -6.64
N THR A 53 -30.32 0.58 -6.70
CA THR A 53 -30.78 -0.49 -7.62
C THR A 53 -30.72 0.03 -9.06
N THR A 54 -31.11 1.29 -9.26
CA THR A 54 -31.12 1.98 -10.57
C THR A 54 -29.70 1.98 -11.12
N LEU A 55 -28.76 2.35 -10.25
CA LEU A 55 -27.34 2.55 -10.62
C LEU A 55 -26.71 1.16 -10.74
N LYS A 56 -27.08 0.24 -9.84
CA LYS A 56 -26.53 -1.14 -9.82
C LYS A 56 -26.77 -1.80 -11.18
N ASP A 57 -27.95 -1.59 -11.76
CA ASP A 57 -28.38 -2.25 -13.02
C ASP A 57 -27.67 -1.60 -14.21
N LEU A 58 -27.44 -0.27 -14.12
CA LEU A 58 -26.74 0.51 -15.17
C LEU A 58 -25.30 0.00 -15.30
N LEU A 59 -24.62 -0.19 -14.17
CA LEU A 59 -23.19 -0.54 -14.18
C LEU A 59 -23.01 -1.98 -14.63
N LEU A 60 -23.97 -2.86 -14.37
CA LEU A 60 -23.90 -4.25 -14.86
C LEU A 60 -23.75 -4.22 -16.38
N ASN A 61 -24.54 -3.37 -17.05
CA ASN A 61 -24.52 -3.25 -18.53
C ASN A 61 -23.15 -2.73 -18.95
N PHE A 62 -22.64 -1.71 -18.29
CA PHE A 62 -21.33 -1.12 -18.63
C PHE A 62 -20.25 -2.18 -18.43
N LEU A 63 -20.36 -2.97 -17.38
CA LEU A 63 -19.31 -3.95 -17.00
C LEU A 63 -19.35 -5.10 -18.00
N LYS A 64 -20.54 -5.47 -18.49
CA LYS A 64 -20.62 -6.56 -19.48
C LYS A 64 -20.02 -6.03 -20.80
N SER A 65 -20.36 -4.79 -21.17
CA SER A 65 -19.88 -4.11 -22.40
C SER A 65 -18.33 -4.02 -22.41
N LYS A 66 -17.74 -3.37 -21.40
CA LYS A 66 -16.28 -3.04 -21.37
C LYS A 66 -15.46 -4.29 -21.00
N GLY A 67 -15.93 -5.13 -20.07
CA GLY A 67 -15.22 -6.35 -19.67
C GLY A 67 -14.18 -6.07 -18.59
N LYS A 68 -13.11 -6.85 -18.55
CA LYS A 68 -12.05 -6.78 -17.51
C LYS A 68 -11.79 -5.33 -17.07
N GLU A 69 -11.58 -4.44 -18.05
CA GLU A 69 -10.94 -3.12 -17.86
C GLU A 69 -11.90 -2.11 -17.22
N ALA A 70 -13.15 -2.48 -17.04
CA ALA A 70 -14.16 -1.57 -16.44
C ALA A 70 -13.76 -1.21 -14.99
N SER A 71 -13.01 -2.08 -14.30
CA SER A 71 -12.70 -1.90 -12.85
C SER A 71 -11.33 -2.47 -12.51
N ALA A 72 -10.66 -1.87 -11.52
CA ALA A 72 -9.31 -2.30 -11.08
C ALA A 72 -9.40 -3.75 -10.58
N GLU A 73 -10.39 -4.03 -9.74
CA GLU A 73 -10.62 -5.32 -9.01
C GLU A 73 -10.67 -6.48 -10.02
N LEU A 74 -11.63 -6.41 -10.95
CA LEU A 74 -11.85 -7.40 -12.04
C LEU A 74 -10.65 -7.42 -13.00
N ASP A 75 -10.01 -6.28 -13.23
CA ASP A 75 -8.94 -6.20 -14.25
C ASP A 75 -7.74 -6.99 -13.73
N SER A 76 -7.37 -6.75 -12.47
CA SER A 76 -6.19 -7.37 -11.84
C SER A 76 -6.52 -8.83 -11.56
N LEU A 77 -7.73 -9.08 -11.07
CA LEU A 77 -8.18 -10.42 -10.63
C LEU A 77 -8.13 -11.38 -11.83
N LEU A 78 -8.76 -11.01 -12.95
CA LEU A 78 -8.93 -11.92 -14.11
C LEU A 78 -7.59 -12.03 -14.86
N SER A 79 -6.75 -11.01 -14.80
CA SER A 79 -5.36 -11.06 -15.32
C SER A 79 -4.62 -12.19 -14.60
N ALA A 80 -4.76 -12.21 -13.26
CA ALA A 80 -4.06 -13.15 -12.38
C ALA A 80 -4.61 -14.56 -12.61
N ILE A 81 -5.93 -14.71 -12.68
CA ILE A 81 -6.61 -16.03 -12.86
C ILE A 81 -6.02 -16.71 -14.11
N GLU A 82 -5.99 -16.01 -15.25
CA GLU A 82 -5.55 -16.58 -16.54
C GLU A 82 -4.04 -16.82 -16.45
N LYS A 83 -3.30 -15.91 -15.81
CA LYS A 83 -1.82 -16.04 -15.61
C LYS A 83 -1.52 -17.34 -14.86
N LEU A 84 -2.26 -17.61 -13.77
CA LEU A 84 -2.03 -18.76 -12.85
C LEU A 84 -2.98 -19.90 -13.19
N GLN A 85 -3.66 -19.82 -14.34
CA GLN A 85 -4.60 -20.83 -14.87
C GLN A 85 -5.40 -21.47 -13.72
N HIS A 86 -6.19 -20.67 -13.01
CA HIS A 86 -7.11 -21.20 -11.97
C HIS A 86 -8.46 -21.61 -12.59
N LYS A 87 -8.91 -22.83 -12.26
CA LYS A 87 -10.24 -23.36 -12.65
C LYS A 87 -11.31 -22.60 -11.87
N LYS A 88 -12.46 -22.35 -12.49
CA LYS A 88 -13.61 -21.62 -11.90
C LYS A 88 -14.33 -22.48 -10.85
N GLU A 89 -14.35 -23.81 -11.03
CA GLU A 89 -14.96 -24.75 -10.05
C GLU A 89 -14.12 -24.75 -8.76
N GLU A 90 -12.79 -24.67 -8.89
CA GLU A 90 -11.79 -24.61 -7.78
C GLU A 90 -11.38 -23.16 -7.53
N LEU A 91 -12.35 -22.26 -7.37
CA LEU A 91 -12.08 -20.80 -7.31
C LEU A 91 -13.05 -20.12 -6.35
N TYR A 92 -12.51 -19.24 -5.51
CA TYR A 92 -13.26 -18.51 -4.45
C TYR A 92 -12.72 -17.10 -4.33
N VAL A 93 -13.56 -16.06 -4.26
CA VAL A 93 -13.10 -14.64 -4.28
C VAL A 93 -13.71 -13.91 -3.08
N PHE A 94 -12.89 -13.20 -2.31
CA PHE A 94 -13.35 -12.43 -1.14
C PHE A 94 -13.21 -10.93 -1.42
N LEU A 95 -14.32 -10.22 -1.62
CA LEU A 95 -14.36 -8.75 -1.80
C LEU A 95 -14.68 -8.08 -0.46
N TYR A 96 -13.80 -7.22 0.03
CA TYR A 96 -14.10 -6.35 1.20
C TYR A 96 -14.48 -4.99 0.67
N THR A 97 -15.57 -4.47 1.19
CA THR A 97 -16.12 -3.14 0.85
C THR A 97 -15.84 -2.27 2.06
N THR A 98 -15.95 -0.94 1.92
CA THR A 98 -15.83 0.00 3.05
C THR A 98 -17.25 0.39 3.47
N ASN A 99 -17.40 1.23 4.50
CA ASN A 99 -18.77 1.66 4.91
C ASN A 99 -19.16 2.92 4.15
N THR A 100 -19.23 2.84 2.82
CA THR A 100 -19.65 3.94 1.92
C THR A 100 -20.49 3.37 0.78
N TRP A 101 -21.43 4.16 0.28
CA TRP A 101 -22.41 3.62 -0.68
C TRP A 101 -21.72 3.43 -2.04
N ASN A 102 -20.86 4.33 -2.45
CA ASN A 102 -20.11 4.11 -3.71
C ASN A 102 -19.27 2.80 -3.64
N SER A 103 -18.71 2.46 -2.49
CA SER A 103 -17.94 1.21 -2.37
C SER A 103 -18.89 0.02 -2.38
N LYS A 104 -19.95 0.04 -1.59
CA LYS A 104 -20.92 -1.11 -1.63
C LYS A 104 -21.56 -1.16 -3.03
N LEU A 105 -21.73 -0.02 -3.70
CA LEU A 105 -22.28 -0.01 -5.09
C LEU A 105 -21.38 -0.83 -5.99
N ALA A 106 -20.09 -0.52 -5.95
CA ALA A 106 -19.11 -1.19 -6.82
C ALA A 106 -19.05 -2.65 -6.42
N GLY A 107 -19.02 -2.91 -5.11
CA GLY A 107 -18.97 -4.28 -4.57
C GLY A 107 -20.10 -5.15 -5.12
N GLU A 108 -21.32 -4.66 -5.01
CA GLU A 108 -22.53 -5.42 -5.38
C GLU A 108 -22.44 -5.75 -6.88
N VAL A 109 -22.07 -4.78 -7.71
CA VAL A 109 -22.02 -5.01 -9.18
C VAL A 109 -20.96 -6.08 -9.45
N ILE A 110 -19.80 -5.96 -8.82
CA ILE A 110 -18.66 -6.88 -9.07
C ILE A 110 -19.08 -8.28 -8.63
N LYS A 111 -19.78 -8.39 -7.49
CA LYS A 111 -20.22 -9.71 -6.95
C LYS A 111 -21.15 -10.36 -8.00
N ASN A 112 -22.07 -9.57 -8.58
CA ASN A 112 -23.06 -10.07 -9.58
C ASN A 112 -22.31 -10.53 -10.82
N TYR A 113 -21.38 -9.72 -11.31
CA TYR A 113 -20.72 -10.02 -12.59
C TYR A 113 -19.84 -11.25 -12.41
N LEU A 114 -19.32 -11.47 -11.21
CA LEU A 114 -18.46 -12.65 -10.96
C LEU A 114 -19.32 -13.91 -10.98
N GLU A 115 -20.44 -13.90 -10.25
CA GLU A 115 -21.32 -15.10 -10.12
C GLU A 115 -21.96 -15.38 -11.49
N GLU A 116 -22.08 -14.37 -12.35
CA GLU A 116 -22.61 -14.55 -13.74
C GLU A 116 -21.56 -15.26 -14.59
N GLU A 117 -20.28 -14.97 -14.33
CA GLU A 117 -19.12 -15.52 -15.08
C GLU A 117 -18.83 -16.95 -14.59
N GLY A 118 -19.43 -17.34 -13.46
CA GLY A 118 -19.32 -18.68 -12.88
C GLY A 118 -18.29 -18.76 -11.75
N ILE A 119 -18.03 -17.64 -11.05
CA ILE A 119 -16.97 -17.50 -10.00
C ILE A 119 -17.64 -17.23 -8.65
N LYS A 120 -17.46 -18.10 -7.65
CA LYS A 120 -18.04 -17.86 -6.30
C LYS A 120 -17.29 -16.67 -5.69
N SER A 121 -18.03 -15.79 -5.01
CA SER A 121 -17.52 -14.56 -4.39
C SER A 121 -18.24 -14.32 -3.06
N GLU A 122 -17.71 -13.46 -2.21
CA GLU A 122 -18.39 -13.10 -0.94
C GLU A 122 -18.05 -11.66 -0.57
N LEU A 123 -19.08 -10.85 -0.33
CA LEU A 123 -18.95 -9.43 0.07
C LEU A 123 -18.69 -9.37 1.59
N ALA A 124 -18.27 -8.22 2.09
CA ALA A 124 -17.95 -7.98 3.52
C ALA A 124 -17.73 -6.49 3.68
N THR A 125 -17.98 -5.90 4.85
CA THR A 125 -17.87 -4.44 5.05
C THR A 125 -17.17 -4.12 6.38
N VAL A 126 -16.06 -3.38 6.33
CA VAL A 126 -15.51 -2.80 7.58
C VAL A 126 -16.37 -1.58 7.93
N LYS A 127 -17.29 -1.77 8.89
CA LYS A 127 -18.34 -0.78 9.25
C LYS A 127 -17.71 0.49 9.83
N SER A 128 -16.49 0.39 10.37
CA SER A 128 -15.71 1.47 11.04
C SER A 128 -15.00 2.37 10.01
N ILE A 129 -15.75 2.99 9.10
CA ILE A 129 -15.20 3.75 7.94
C ILE A 129 -15.81 5.17 7.84
N SER A 130 -15.01 6.13 8.31
CA SER A 130 -15.10 7.62 8.21
C SER A 130 -13.75 8.19 8.66
N SER A 131 -13.46 9.49 8.51
CA SER A 131 -12.08 10.03 8.65
C SER A 131 -11.77 10.49 10.07
N GLU A 132 -12.77 11.08 10.73
CA GLU A 132 -12.65 12.08 11.83
C GLU A 132 -11.71 11.55 12.92
N GLU A 133 -12.05 10.38 13.49
CA GLU A 133 -11.13 9.61 14.34
C GLU A 133 -11.51 8.13 14.26
N THR A 134 -11.97 7.65 13.10
CA THR A 134 -12.45 6.25 12.93
C THR A 134 -11.62 5.53 11.87
N PHE A 135 -10.93 6.27 11.01
CA PHE A 135 -10.31 5.64 9.82
C PHE A 135 -9.21 4.69 10.29
N HIS A 136 -8.42 5.08 11.30
CA HIS A 136 -7.34 4.22 11.86
C HIS A 136 -7.93 2.98 12.50
N GLU A 137 -9.09 3.07 13.14
CA GLU A 137 -9.76 1.91 13.76
C GLU A 137 -10.25 0.95 12.67
N GLY A 138 -10.63 1.50 11.52
CA GLY A 138 -11.13 0.75 10.36
C GLY A 138 -10.06 -0.11 9.72
N ILE A 139 -8.87 0.44 9.50
CA ILE A 139 -7.76 -0.33 8.87
C ILE A 139 -7.22 -1.31 9.91
N GLU A 140 -7.28 -0.97 11.19
CA GLU A 140 -6.97 -1.89 12.31
C GLU A 140 -7.89 -3.11 12.18
N ASP A 141 -9.19 -2.86 11.99
CA ASP A 141 -10.24 -3.90 11.95
C ASP A 141 -10.09 -4.74 10.68
N LEU A 142 -9.84 -4.11 9.53
CA LEU A 142 -9.75 -4.85 8.25
C LEU A 142 -8.52 -5.77 8.31
N PHE A 143 -7.41 -5.27 8.87
CA PHE A 143 -6.17 -6.04 9.15
C PHE A 143 -6.50 -7.26 10.03
N ASP A 144 -7.28 -7.06 11.10
CA ASP A 144 -7.63 -8.16 12.02
C ASP A 144 -8.44 -9.22 11.26
N LYS A 145 -9.35 -8.81 10.36
CA LYS A 145 -10.23 -9.75 9.66
C LYS A 145 -9.41 -10.51 8.63
N VAL A 146 -8.63 -9.82 7.81
CA VAL A 146 -7.93 -10.42 6.65
C VAL A 146 -6.94 -11.45 7.22
N ILE A 147 -6.22 -11.05 8.26
CA ILE A 147 -5.12 -11.90 8.79
C ILE A 147 -5.75 -13.16 9.37
N TYR A 148 -6.86 -13.07 10.09
CA TYR A 148 -7.58 -14.26 10.64
C TYR A 148 -7.96 -15.18 9.48
N LYS A 149 -8.63 -14.62 8.46
CA LYS A 149 -9.10 -15.35 7.24
C LYS A 149 -7.93 -16.14 6.65
N ILE A 150 -6.78 -15.47 6.49
CA ILE A 150 -5.62 -16.06 5.75
C ILE A 150 -5.17 -17.28 6.55
N LEU A 151 -5.16 -17.20 7.88
CA LEU A 151 -4.72 -18.36 8.71
C LEU A 151 -5.77 -19.45 8.61
N LYS A 152 -7.05 -19.10 8.70
CA LYS A 152 -8.18 -20.06 8.63
C LYS A 152 -8.09 -20.86 7.31
N PHE A 153 -7.99 -20.18 6.16
CA PHE A 153 -8.00 -20.85 4.84
C PHE A 153 -6.70 -21.64 4.66
N LYS A 154 -5.61 -21.12 5.22
CA LYS A 154 -4.27 -21.73 5.14
C LYS A 154 -4.27 -23.04 5.96
N GLU A 155 -5.02 -23.09 7.06
CA GLU A 155 -5.20 -24.30 7.90
C GLU A 155 -5.92 -25.38 7.09
N GLU A 156 -6.96 -25.01 6.34
CA GLU A 156 -7.77 -25.95 5.53
C GLU A 156 -6.88 -26.50 4.41
N GLY A 157 -6.00 -25.67 3.84
CA GLY A 157 -5.08 -26.03 2.74
C GLY A 157 -5.48 -25.29 1.48
N LYS A 158 -5.99 -24.07 1.63
CA LYS A 158 -6.36 -23.19 0.51
C LYS A 158 -5.09 -22.49 0.02
N GLU A 159 -5.04 -22.18 -1.28
CA GLU A 159 -3.99 -21.32 -1.86
C GLU A 159 -4.49 -19.88 -1.84
N VAL A 160 -4.08 -19.08 -0.88
CA VAL A 160 -4.57 -17.67 -0.77
C VAL A 160 -3.74 -16.75 -1.66
N TYR A 161 -4.41 -15.91 -2.43
CA TYR A 161 -3.79 -14.91 -3.34
C TYR A 161 -4.36 -13.53 -3.02
N ILE A 162 -3.51 -12.51 -2.95
CA ILE A 162 -3.92 -11.16 -2.48
C ILE A 162 -3.81 -10.12 -3.60
N ASN A 163 -4.97 -9.56 -3.96
CA ASN A 163 -5.17 -8.51 -4.99
C ASN A 163 -4.99 -7.16 -4.29
N ALA A 164 -3.75 -6.67 -4.29
CA ALA A 164 -3.36 -5.42 -3.61
C ALA A 164 -3.66 -4.21 -4.49
N THR A 165 -4.30 -4.41 -5.64
CA THR A 165 -4.45 -3.38 -6.72
C THR A 165 -5.44 -2.30 -6.28
N ALA A 166 -6.59 -2.71 -5.79
CA ALA A 166 -7.76 -1.86 -5.62
C ALA A 166 -7.99 -1.48 -4.15
N GLY A 167 -8.76 -0.42 -3.97
CA GLY A 167 -9.11 0.14 -2.64
C GLY A 167 -8.22 1.31 -2.31
N LEU A 168 -8.48 2.04 -1.24
CA LEU A 168 -7.58 3.10 -0.75
C LEU A 168 -6.17 2.56 -0.44
N LYS A 169 -5.18 3.45 -0.44
CA LYS A 169 -3.76 3.09 -0.14
C LYS A 169 -3.69 2.28 1.17
N PRO A 170 -4.05 2.80 2.37
CA PRO A 170 -3.86 2.04 3.60
C PRO A 170 -4.53 0.66 3.55
N GLU A 171 -5.75 0.60 2.98
CA GLU A 171 -6.55 -0.63 2.75
C GLU A 171 -5.68 -1.67 2.04
N THR A 172 -4.99 -1.27 0.96
CA THR A 172 -4.14 -2.18 0.14
C THR A 172 -2.85 -2.48 0.88
N THR A 173 -2.28 -1.51 1.60
CA THR A 173 -0.98 -1.69 2.33
C THR A 173 -1.18 -2.81 3.37
N PHE A 174 -2.30 -2.76 4.11
CA PHE A 174 -2.60 -3.75 5.17
C PHE A 174 -2.99 -5.09 4.57
N LEU A 175 -3.51 -5.09 3.37
CA LEU A 175 -3.91 -6.38 2.77
C LEU A 175 -2.65 -7.15 2.38
N THR A 176 -1.58 -6.44 2.00
CA THR A 176 -0.31 -7.11 1.62
C THR A 176 0.41 -7.45 2.93
N LEU A 177 0.31 -6.60 3.94
CA LEU A 177 1.05 -6.82 5.22
C LEU A 177 0.57 -8.11 5.87
N ALA A 178 -0.76 -8.23 5.96
CA ALA A 178 -1.47 -9.38 6.55
C ALA A 178 -1.12 -10.61 5.72
N GLY A 179 -1.07 -10.50 4.41
CA GLY A 179 -0.70 -11.63 3.54
C GLY A 179 0.69 -12.12 3.89
N LEU A 180 1.63 -11.17 4.01
CA LEU A 180 3.03 -11.49 4.33
C LEU A 180 3.07 -12.23 5.68
N LEU A 181 2.35 -11.72 6.67
CA LEU A 181 2.29 -12.34 8.03
C LEU A 181 1.66 -13.73 7.96
N ALA A 182 0.44 -13.85 7.45
CA ALA A 182 -0.36 -15.10 7.54
C ALA A 182 0.09 -16.10 6.48
N GLY A 183 1.10 -15.79 5.69
CA GLY A 183 1.72 -16.77 4.79
C GLY A 183 0.87 -17.07 3.57
N ALA A 184 0.30 -16.04 2.97
CA ALA A 184 -0.43 -16.14 1.68
C ALA A 184 0.54 -16.59 0.58
N ASP A 185 0.05 -17.36 -0.38
CA ASP A 185 0.87 -17.93 -1.49
C ASP A 185 1.45 -16.78 -2.34
N LEU A 186 0.64 -15.79 -2.71
CA LEU A 186 1.07 -14.64 -3.55
C LEU A 186 0.40 -13.36 -3.08
N VAL A 187 1.02 -12.25 -3.40
CA VAL A 187 0.43 -10.88 -3.41
C VAL A 187 0.73 -10.28 -4.79
N TYR A 188 -0.29 -10.08 -5.63
CA TYR A 188 -0.14 -9.55 -7.01
C TYR A 188 -0.68 -8.12 -7.09
N TYR A 189 -0.25 -7.37 -8.08
CA TYR A 189 -0.70 -5.97 -8.34
C TYR A 189 -0.60 -5.69 -9.83
N LYS A 190 -1.58 -4.96 -10.38
CA LYS A 190 -1.56 -4.57 -11.80
C LYS A 190 -1.91 -3.10 -11.92
N TYR A 191 -0.97 -2.29 -12.37
CA TYR A 191 -1.15 -0.88 -12.78
C TYR A 191 -2.07 -0.84 -14.00
N GLN A 192 -2.81 0.24 -14.15
CA GLN A 192 -3.83 0.45 -15.22
C GLN A 192 -3.24 0.10 -16.59
N GLU A 193 -2.00 0.54 -16.86
CA GLU A 193 -1.35 0.44 -18.20
C GLU A 193 -0.43 -0.80 -18.34
N PHE A 194 -0.37 -1.68 -17.34
CA PHE A 194 0.34 -3.00 -17.40
C PHE A 194 -0.43 -3.95 -18.30
N ASN A 195 0.29 -4.87 -18.94
CA ASN A 195 -0.27 -5.86 -19.88
C ASN A 195 -0.91 -6.99 -19.05
N ASP A 196 -0.16 -7.51 -18.08
CA ASP A 196 -0.64 -8.56 -17.13
C ASP A 196 -0.17 -8.19 -15.71
N VAL A 197 -0.49 -9.05 -14.74
CA VAL A 197 -0.28 -8.75 -13.31
C VAL A 197 1.18 -9.05 -12.96
N VAL A 198 1.73 -8.35 -11.95
CA VAL A 198 3.11 -8.55 -11.45
C VAL A 198 3.03 -8.94 -9.96
N PHE A 199 3.95 -9.78 -9.49
CA PHE A 199 3.94 -10.32 -8.09
C PHE A 199 4.91 -9.49 -7.25
N LEU A 200 4.43 -9.01 -6.10
CA LEU A 200 5.26 -8.20 -5.18
C LEU A 200 6.26 -9.11 -4.46
N PRO A 201 7.47 -8.59 -4.13
CA PRO A 201 8.38 -9.31 -3.26
C PRO A 201 7.77 -9.69 -1.90
N SER A 202 8.18 -10.82 -1.33
CA SER A 202 7.68 -11.30 -0.01
C SER A 202 8.82 -11.49 0.99
N PRO A 203 9.12 -10.49 1.83
CA PRO A 203 10.02 -10.66 2.97
C PRO A 203 9.38 -11.51 4.06
N PRO A 204 10.14 -12.42 4.69
CA PRO A 204 9.61 -13.25 5.78
C PRO A 204 9.40 -12.43 7.06
N ILE A 205 8.15 -12.14 7.39
CA ILE A 205 7.81 -11.10 8.41
C ILE A 205 6.97 -11.73 9.52
N THR A 206 7.23 -11.33 10.76
CA THR A 206 6.55 -11.86 11.97
C THR A 206 6.28 -10.74 12.98
N ILE A 207 5.58 -11.08 14.05
CA ILE A 207 5.39 -10.16 15.20
C ILE A 207 6.69 -10.18 15.99
N SER A 208 7.25 -9.00 16.28
CA SER A 208 8.52 -8.79 17.02
C SER A 208 8.53 -9.65 18.28
N PRO A 209 9.62 -10.40 18.53
CA PRO A 209 9.70 -11.28 19.69
C PRO A 209 9.58 -10.57 21.06
N ARG A 210 9.93 -9.27 21.12
CA ARG A 210 9.86 -8.40 22.34
C ARG A 210 8.41 -8.41 22.87
N TYR A 211 7.44 -8.22 21.98
CA TYR A 211 5.99 -8.20 22.32
C TYR A 211 5.50 -9.65 22.34
N LEU A 212 6.04 -10.48 21.45
CA LEU A 212 5.58 -11.86 21.20
C LEU A 212 5.76 -12.69 22.48
N GLU A 213 6.87 -12.50 23.20
CA GLU A 213 7.18 -13.24 24.46
C GLU A 213 6.07 -12.97 25.49
N TRP A 214 5.60 -11.73 25.58
CA TRP A 214 4.54 -11.34 26.56
C TRP A 214 3.20 -11.90 26.08
N LEU A 215 3.04 -12.14 24.79
CA LEU A 215 1.78 -12.67 24.21
C LEU A 215 1.68 -14.17 24.54
N ILE A 216 2.81 -14.87 24.51
CA ILE A 216 2.96 -16.32 24.90
C ILE A 216 2.33 -16.50 26.28
N GLU A 217 2.76 -15.69 27.24
CA GLU A 217 2.39 -15.88 28.66
C GLU A 217 1.07 -15.14 28.95
N PHE A 218 0.58 -14.33 28.02
CA PHE A 218 -0.73 -13.64 28.14
C PHE A 218 -1.84 -14.67 28.34
N ALA A 219 -1.87 -15.71 27.50
CA ALA A 219 -2.88 -16.80 27.50
C ALA A 219 -2.77 -17.61 28.80
N ASN A 220 -1.54 -17.90 29.23
CA ASN A 220 -1.21 -18.80 30.36
C ASN A 220 -1.70 -18.21 31.69
N TYR A 221 -1.91 -16.90 31.77
CA TYR A 221 -2.18 -16.18 33.05
C TYR A 221 -3.69 -15.91 33.19
N GLY A 222 -4.53 -16.67 32.48
CA GLY A 222 -5.99 -16.40 32.38
C GLY A 222 -6.28 -15.03 31.77
N TYR A 223 -5.36 -14.55 30.92
CA TYR A 223 -5.41 -13.35 30.03
C TYR A 223 -5.53 -12.01 30.78
N THR A 224 -6.66 -11.67 31.42
CA THR A 224 -7.10 -10.30 31.77
C THR A 224 -7.09 -10.02 33.28
N LEU A 225 -6.35 -9.02 33.79
CA LEU A 225 -6.42 -8.71 35.25
C LEU A 225 -6.58 -7.20 35.50
N SER A 226 -5.74 -6.59 36.37
CA SER A 226 -5.96 -5.23 36.90
C SER A 226 -4.86 -4.28 36.44
N GLU A 227 -3.78 -4.12 37.21
CA GLU A 227 -2.66 -3.21 36.87
C GLU A 227 -1.32 -3.88 37.21
N LYS A 228 -0.99 -4.05 38.49
CA LYS A 228 0.28 -4.67 38.97
C LYS A 228 0.18 -6.19 38.73
N LYS A 229 -0.92 -6.82 39.14
CA LYS A 229 -1.07 -8.28 39.14
C LYS A 229 -1.45 -8.74 37.72
N ALA A 230 -1.76 -7.78 36.84
CA ALA A 230 -1.92 -8.00 35.38
C ALA A 230 -0.56 -7.95 34.70
N GLU A 231 0.25 -6.96 35.08
CA GLU A 231 1.71 -6.94 34.74
C GLU A 231 2.44 -7.85 35.74
N GLU A 232 1.89 -9.04 36.04
CA GLU A 232 2.37 -9.87 37.17
C GLU A 232 3.68 -10.61 36.82
N LEU A 233 3.93 -10.86 35.53
CA LEU A 233 5.23 -11.45 35.07
C LEU A 233 5.80 -10.61 33.92
N GLY A 234 5.25 -9.42 33.68
CA GLY A 234 5.83 -8.38 32.82
C GLY A 234 4.99 -8.17 31.58
N ILE A 235 3.68 -7.95 31.75
CA ILE A 235 2.71 -7.75 30.64
C ILE A 235 2.25 -6.29 30.59
N PRO A 236 2.83 -5.46 29.70
CA PRO A 236 2.30 -4.11 29.51
C PRO A 236 1.07 -4.18 28.59
N VAL A 237 -0.14 -4.16 29.16
CA VAL A 237 -1.41 -4.46 28.42
C VAL A 237 -1.93 -3.20 27.71
N ARG A 238 -1.70 -2.01 28.27
CA ARG A 238 -2.09 -0.73 27.61
C ARG A 238 -1.19 -0.55 26.38
N LEU A 239 0.12 -0.82 26.53
CA LEU A 239 1.12 -0.83 25.42
C LEU A 239 0.66 -1.81 24.34
N LEU A 240 0.11 -2.94 24.77
CA LEU A 240 -0.36 -4.01 23.85
C LEU A 240 -1.58 -3.52 23.06
N GLU A 241 -2.47 -2.74 23.67
CA GLU A 241 -3.66 -2.16 22.98
C GLU A 241 -3.22 -1.06 22.02
N VAL A 242 -2.18 -0.32 22.37
CA VAL A 242 -1.64 0.78 21.52
C VAL A 242 -1.06 0.16 20.25
N ARG A 243 -0.28 -0.90 20.36
CA ARG A 243 0.34 -1.62 19.21
C ARG A 243 -0.69 -2.54 18.54
N ASN A 244 -1.98 -2.39 18.89
CA ASN A 244 -3.16 -3.02 18.26
C ASN A 244 -3.02 -4.55 18.32
N LEU A 245 -2.49 -5.09 19.42
CA LEU A 245 -2.36 -6.57 19.63
C LEU A 245 -3.40 -7.08 20.62
N VAL A 246 -4.03 -6.20 21.40
CA VAL A 246 -5.02 -6.54 22.45
C VAL A 246 -6.17 -5.52 22.35
N GLU A 247 -7.40 -5.92 22.70
CA GLU A 247 -8.61 -5.06 22.68
C GLU A 247 -9.11 -4.80 24.12
N ARG A 248 -9.56 -3.57 24.38
CA ARG A 248 -10.01 -3.07 25.72
C ARG A 248 -11.52 -3.31 25.84
N LYS A 249 -12.31 -2.55 25.09
CA LYS A 249 -13.79 -2.68 24.92
C LYS A 249 -14.53 -2.08 26.13
N GLY A 250 -14.08 -2.32 27.37
CA GLY A 250 -14.84 -1.97 28.60
C GLY A 250 -13.96 -1.34 29.67
N GLU A 251 -14.28 -1.62 30.94
CA GLU A 251 -13.64 -1.01 32.13
C GLU A 251 -12.20 -1.53 32.25
N ASP A 252 -12.05 -2.87 32.28
CA ASP A 252 -10.78 -3.58 32.60
C ASP A 252 -9.84 -3.52 31.40
N ALA A 253 -10.31 -3.94 30.22
CA ALA A 253 -9.59 -3.81 28.93
C ALA A 253 -8.57 -4.93 28.81
N TYR A 254 -9.03 -6.17 28.81
CA TYR A 254 -8.17 -7.37 28.72
C TYR A 254 -8.81 -8.37 27.76
N ARG A 255 -8.42 -8.32 26.51
CA ARG A 255 -9.05 -9.14 25.45
C ARG A 255 -7.97 -9.39 24.40
N LEU A 256 -7.34 -10.55 24.45
CA LEU A 256 -6.32 -10.98 23.46
C LEU A 256 -6.99 -11.11 22.08
N LYS A 257 -6.42 -10.50 21.04
CA LYS A 257 -7.03 -10.49 19.69
C LYS A 257 -7.05 -11.90 19.11
N ASP A 258 -8.10 -12.22 18.33
CA ASP A 258 -8.42 -13.60 17.87
C ASP A 258 -7.36 -14.10 16.88
N TRP A 259 -6.73 -13.20 16.14
CA TRP A 259 -5.69 -13.56 15.14
C TRP A 259 -4.37 -13.82 15.87
N VAL A 260 -4.10 -13.02 16.90
CA VAL A 260 -2.84 -13.04 17.69
C VAL A 260 -2.74 -14.41 18.35
N ARG A 261 -3.85 -14.81 18.99
CA ARG A 261 -3.97 -16.08 19.74
C ARG A 261 -3.69 -17.23 18.77
N LYS A 262 -4.32 -17.19 17.58
CA LYS A 262 -4.24 -18.26 16.57
C LYS A 262 -2.82 -18.30 15.97
N MET A 263 -2.13 -17.15 15.89
CA MET A 263 -0.80 -17.07 15.23
C MET A 263 0.27 -17.63 16.16
N LEU A 264 0.11 -17.45 17.47
CA LEU A 264 1.02 -18.05 18.49
C LEU A 264 1.03 -19.57 18.36
N GLY A 265 -0.14 -20.16 18.08
CA GLY A 265 -0.32 -21.62 17.94
C GLY A 265 0.49 -22.20 16.80
N ILE A 266 0.99 -21.38 15.87
CA ILE A 266 1.76 -21.83 14.67
C ILE A 266 3.25 -21.81 15.02
N TYR A 267 3.61 -21.88 16.30
CA TYR A 267 4.90 -22.41 16.77
C TYR A 267 4.80 -23.94 16.95
N LEU A 268 4.48 -24.69 15.87
CA LEU A 268 4.51 -26.18 15.89
C LEU A 268 5.06 -26.68 14.54
N MET B 1 18.37 19.02 8.83
CA MET B 1 17.32 18.04 9.23
C MET B 1 17.25 17.89 10.76
N ASN B 2 16.02 17.79 11.29
CA ASN B 2 15.66 17.54 12.70
C ASN B 2 14.26 16.91 12.78
N LYS B 3 13.48 17.04 11.70
CA LYS B 3 12.21 16.31 11.41
C LYS B 3 12.20 15.95 9.92
N VAL B 4 12.62 14.74 9.58
CA VAL B 4 12.79 14.25 8.18
C VAL B 4 11.48 13.59 7.72
N HIS B 5 11.01 13.89 6.50
CA HIS B 5 9.78 13.33 5.88
C HIS B 5 10.15 12.67 4.55
N VAL B 6 9.99 11.35 4.41
CA VAL B 6 10.25 10.68 3.10
C VAL B 6 8.89 10.38 2.42
N SER B 7 8.85 10.52 1.10
CA SER B 7 7.68 10.39 0.20
C SER B 7 8.07 9.80 -1.15
N ALA B 8 7.15 9.16 -1.83
CA ALA B 8 7.22 8.87 -3.28
C ALA B 8 6.59 10.04 -4.04
N VAL B 9 6.95 10.20 -5.32
CA VAL B 9 6.27 11.22 -6.19
C VAL B 9 5.55 10.48 -7.30
N GLY B 10 4.27 10.83 -7.50
CA GLY B 10 3.44 10.31 -8.59
C GLY B 10 3.10 11.36 -9.63
N THR B 11 2.09 11.09 -10.44
CA THR B 11 1.67 11.98 -11.55
C THR B 11 0.37 12.73 -11.21
N SER B 12 0.08 12.90 -9.93
CA SER B 12 -0.98 13.78 -9.38
C SER B 12 -0.92 15.16 -10.02
N LEU B 13 0.26 15.78 -10.05
CA LEU B 13 0.43 17.20 -10.49
C LEU B 13 -0.05 17.30 -11.93
N LEU B 14 0.47 16.40 -12.77
CA LEU B 14 0.13 16.32 -14.21
C LEU B 14 -1.39 16.24 -14.38
N LYS B 15 -2.06 15.33 -13.66
CA LYS B 15 -3.51 15.02 -13.85
C LYS B 15 -4.33 16.22 -13.38
N ASN B 16 -4.00 16.80 -12.21
CA ASN B 16 -4.71 17.97 -11.63
C ASN B 16 -4.52 19.20 -12.53
N SER B 17 -3.42 19.29 -13.26
CA SER B 17 -3.08 20.48 -14.11
C SER B 17 -3.98 20.61 -15.33
N LEU B 18 -4.70 19.54 -15.72
CA LEU B 18 -5.54 19.59 -16.94
C LEU B 18 -6.85 20.30 -16.60
N SER B 19 -6.95 20.89 -15.39
CA SER B 19 -8.02 21.84 -14.98
C SER B 19 -7.71 23.22 -15.55
N ALA B 20 -6.46 23.64 -15.43
CA ALA B 20 -5.96 24.93 -15.96
C ALA B 20 -6.22 25.02 -17.46
N ASP B 21 -6.75 26.14 -17.92
CA ASP B 21 -7.11 26.27 -19.35
C ASP B 21 -5.81 26.33 -20.15
N ASN B 22 -4.82 27.08 -19.68
CA ASN B 22 -3.52 27.24 -20.39
C ASN B 22 -2.89 25.86 -20.49
N VAL B 23 -2.96 25.05 -19.42
CA VAL B 23 -2.23 23.76 -19.38
C VAL B 23 -2.93 22.76 -20.30
N LYS B 24 -4.24 22.64 -20.19
CA LYS B 24 -4.98 21.59 -20.94
C LYS B 24 -4.65 21.74 -22.42
N LYS B 25 -4.65 22.97 -22.94
CA LYS B 25 -4.55 23.21 -24.40
C LYS B 25 -3.10 23.05 -24.83
N GLU B 26 -2.13 23.43 -23.99
CA GLU B 26 -0.70 23.34 -24.37
C GLU B 26 -0.28 21.87 -24.35
N VAL B 27 -0.83 21.10 -23.43
CA VAL B 27 -0.57 19.64 -23.30
C VAL B 27 -1.25 18.91 -24.46
N GLU B 28 -2.49 19.25 -24.75
CA GLU B 28 -3.27 18.67 -25.86
C GLU B 28 -2.51 18.95 -27.16
N ASP B 29 -1.79 20.07 -27.24
CA ASP B 29 -1.01 20.48 -28.44
C ASP B 29 0.13 19.48 -28.70
N LEU B 30 0.81 19.07 -27.64
CA LEU B 30 1.99 18.17 -27.71
C LEU B 30 1.50 16.72 -27.82
N GLY B 31 0.18 16.51 -27.80
CA GLY B 31 -0.47 15.18 -27.93
C GLY B 31 -0.29 14.32 -26.69
N LEU B 32 -0.20 14.95 -25.51
CA LEU B 32 0.09 14.30 -24.22
C LEU B 32 -1.22 14.14 -23.44
N LYS B 33 -2.30 13.72 -24.12
CA LYS B 33 -3.67 13.64 -23.55
C LYS B 33 -3.64 12.98 -22.17
N ASP B 34 -3.23 11.71 -22.08
CA ASP B 34 -3.24 10.96 -20.79
C ASP B 34 -1.85 10.93 -20.20
N TRP B 35 -1.22 12.08 -20.03
CA TRP B 35 0.23 12.12 -19.67
C TRP B 35 0.47 11.69 -18.23
N ASP B 36 -0.55 11.72 -17.39
CA ASP B 36 -0.46 11.22 -15.99
C ASP B 36 -0.44 9.70 -15.91
N ARG B 37 -0.99 8.99 -16.91
CA ARG B 37 -1.17 7.52 -16.89
C ARG B 37 -0.69 6.91 -18.21
N LEU B 38 0.61 6.83 -18.42
CA LEU B 38 1.15 6.18 -19.65
C LEU B 38 2.10 5.05 -19.23
N LYS B 39 2.36 4.11 -20.15
CA LYS B 39 3.31 2.99 -19.91
C LYS B 39 4.66 3.63 -19.60
N PHE B 40 5.39 3.10 -18.61
CA PHE B 40 6.66 3.69 -18.09
C PHE B 40 7.64 3.85 -19.27
N ASP B 41 7.54 2.98 -20.27
CA ASP B 41 8.43 2.97 -21.45
C ASP B 41 7.59 3.33 -22.67
N ASP B 42 6.92 4.48 -22.62
CA ASP B 42 6.00 4.95 -23.69
C ASP B 42 6.72 6.00 -24.52
N ASP B 43 6.30 6.10 -25.77
CA ASP B 43 6.88 7.05 -26.74
C ASP B 43 6.54 8.46 -26.24
N ARG B 44 5.30 8.66 -25.76
CA ARG B 44 4.82 9.95 -25.20
C ARG B 44 5.75 10.41 -24.06
N GLN B 45 6.52 9.50 -23.47
CA GLN B 45 7.40 9.82 -22.32
C GLN B 45 8.58 10.64 -22.82
N ASN B 46 9.07 10.32 -24.02
CA ASN B 46 10.17 11.08 -24.67
C ASN B 46 9.66 12.48 -25.02
N LYS B 47 8.42 12.59 -25.52
CA LYS B 47 7.75 13.91 -25.77
C LYS B 47 7.91 14.79 -24.54
N ILE B 48 7.74 14.24 -23.35
CA ILE B 48 7.78 15.01 -22.07
C ILE B 48 9.19 15.58 -21.87
N ARG B 49 10.25 14.82 -22.21
CA ARG B 49 11.63 15.19 -21.84
C ARG B 49 12.22 16.24 -22.79
N ASP B 50 11.87 16.22 -24.08
CA ASP B 50 12.41 17.23 -25.02
C ASP B 50 11.68 18.58 -24.81
N ASN B 51 10.49 18.58 -24.17
CA ASN B 51 9.72 19.81 -23.84
C ASN B 51 9.74 20.03 -22.33
N PHE B 52 10.66 19.39 -21.64
CA PHE B 52 10.63 19.19 -20.17
C PHE B 52 10.61 20.56 -19.50
N THR B 53 11.47 21.47 -19.95
CA THR B 53 11.63 22.83 -19.37
C THR B 53 10.36 23.63 -19.63
N THR B 54 9.77 23.48 -20.82
CA THR B 54 8.52 24.19 -21.22
C THR B 54 7.40 23.77 -20.27
N LEU B 55 7.31 22.46 -19.98
CA LEU B 55 6.24 21.86 -19.16
C LEU B 55 6.55 22.15 -17.70
N LYS B 56 7.84 22.10 -17.33
CA LYS B 56 8.30 22.35 -15.94
C LYS B 56 7.84 23.75 -15.52
N ASP B 57 7.94 24.73 -16.42
CA ASP B 57 7.64 26.16 -16.13
C ASP B 57 6.11 26.33 -16.04
N LEU B 58 5.37 25.61 -16.89
CA LEU B 58 3.90 25.67 -16.94
C LEU B 58 3.34 25.16 -15.60
N LEU B 59 3.85 24.05 -15.09
CA LEU B 59 3.26 23.41 -13.88
C LEU B 59 3.63 24.22 -12.64
N LEU B 60 4.78 24.90 -12.64
CA LEU B 60 5.17 25.80 -11.53
C LEU B 60 4.05 26.82 -11.35
N ASN B 61 3.56 27.41 -12.46
CA ASN B 61 2.51 28.46 -12.43
C ASN B 61 1.24 27.84 -11.84
N PHE B 62 0.87 26.65 -12.30
CA PHE B 62 -0.36 25.99 -11.83
C PHE B 62 -0.23 25.71 -10.34
N LEU B 63 0.95 25.27 -9.91
CA LEU B 63 1.18 24.84 -8.51
C LEU B 63 1.19 26.07 -7.62
N LYS B 64 1.69 27.21 -8.10
CA LYS B 64 1.69 28.45 -7.30
C LYS B 64 0.25 28.92 -7.20
N SER B 65 -0.51 28.87 -8.29
CA SER B 65 -1.94 29.29 -8.35
C SER B 65 -2.80 28.47 -7.37
N LYS B 66 -2.82 27.15 -7.53
CA LYS B 66 -3.67 26.21 -6.73
C LYS B 66 -3.19 26.08 -5.27
N GLY B 67 -1.88 25.90 -5.06
CA GLY B 67 -1.31 25.61 -3.73
C GLY B 67 -1.30 24.12 -3.42
N LYS B 68 -1.19 23.77 -2.12
CA LYS B 68 -1.18 22.38 -1.57
C LYS B 68 -1.83 21.38 -2.54
N GLU B 69 -3.08 21.66 -2.95
CA GLU B 69 -4.04 20.66 -3.47
C GLU B 69 -3.68 20.23 -4.90
N ALA B 70 -2.83 20.99 -5.57
CA ALA B 70 -2.41 20.69 -6.95
C ALA B 70 -1.74 19.30 -7.02
N SER B 71 -1.20 18.76 -5.92
CA SER B 71 -0.54 17.41 -5.93
C SER B 71 -0.77 16.68 -4.61
N ALA B 72 -0.82 15.35 -4.68
CA ALA B 72 -0.99 14.47 -3.51
C ALA B 72 0.11 14.72 -2.51
N GLU B 73 1.37 14.74 -3.00
CA GLU B 73 2.64 14.78 -2.22
C GLU B 73 2.63 16.02 -1.31
N LEU B 74 2.48 17.18 -1.93
CA LEU B 74 2.45 18.50 -1.25
C LEU B 74 1.19 18.61 -0.38
N ASP B 75 0.08 18.01 -0.82
CA ASP B 75 -1.18 18.18 -0.07
C ASP B 75 -1.05 17.44 1.26
N SER B 76 -0.59 16.19 1.22
CA SER B 76 -0.46 15.32 2.41
C SER B 76 0.68 15.86 3.28
N LEU B 77 1.78 16.25 2.64
CA LEU B 77 3.00 16.70 3.34
C LEU B 77 2.71 17.94 4.18
N LEU B 78 2.12 18.98 3.57
CA LEU B 78 1.91 20.28 4.24
C LEU B 78 0.74 20.16 5.22
N SER B 79 -0.19 19.24 5.00
CA SER B 79 -1.26 18.93 5.97
C SER B 79 -0.60 18.39 7.24
N ALA B 80 0.38 17.51 7.07
CA ALA B 80 1.11 16.84 8.19
C ALA B 80 1.95 17.89 8.92
N ILE B 81 2.65 18.73 8.17
CA ILE B 81 3.55 19.77 8.76
C ILE B 81 2.75 20.64 9.74
N GLU B 82 1.59 21.17 9.30
CA GLU B 82 0.75 22.08 10.11
C GLU B 82 0.15 21.27 11.27
N LYS B 83 -0.25 20.03 11.02
CA LYS B 83 -0.83 19.11 12.05
C LYS B 83 0.19 18.93 13.19
N LEU B 84 1.44 18.66 12.83
CA LEU B 84 2.54 18.31 13.78
C LEU B 84 3.39 19.53 14.07
N GLN B 85 2.92 20.72 13.66
CA GLN B 85 3.58 22.03 13.84
C GLN B 85 5.10 21.85 13.75
N HIS B 86 5.60 21.40 12.60
CA HIS B 86 7.06 21.41 12.32
C HIS B 86 7.46 22.82 11.88
N LYS B 87 8.37 23.46 12.62
CA LYS B 87 8.92 24.79 12.25
C LYS B 87 9.78 24.59 11.00
N LYS B 88 9.45 25.39 9.98
CA LYS B 88 9.89 25.27 8.57
C LYS B 88 11.41 25.08 8.53
N GLU B 89 12.15 25.75 9.45
CA GLU B 89 13.63 25.83 9.49
C GLU B 89 14.22 24.41 9.57
N GLU B 90 13.64 23.53 10.41
CA GLU B 90 14.22 22.21 10.79
C GLU B 90 13.79 21.07 9.86
N LEU B 91 12.91 21.34 8.86
CA LEU B 91 12.33 20.33 7.93
C LEU B 91 13.39 19.89 6.91
N TYR B 92 13.49 18.58 6.65
CA TYR B 92 14.12 18.05 5.41
C TYR B 92 13.20 16.99 4.80
N VAL B 93 12.99 17.06 3.48
CA VAL B 93 11.95 16.28 2.78
C VAL B 93 12.62 15.46 1.66
N PHE B 94 12.40 14.15 1.67
CA PHE B 94 13.04 13.21 0.71
C PHE B 94 12.01 12.67 -0.29
N LEU B 95 12.03 13.18 -1.53
CA LEU B 95 11.11 12.79 -2.62
C LEU B 95 11.79 11.72 -3.48
N TYR B 96 11.22 10.54 -3.60
CA TYR B 96 11.70 9.50 -4.53
C TYR B 96 10.83 9.56 -5.77
N THR B 97 11.46 9.68 -6.93
CA THR B 97 10.75 9.61 -8.21
C THR B 97 10.98 8.22 -8.77
N THR B 98 10.28 7.84 -9.82
CA THR B 98 10.50 6.56 -10.53
C THR B 98 11.36 6.85 -11.76
N ASN B 99 11.72 5.82 -12.52
CA ASN B 99 12.49 6.06 -13.75
C ASN B 99 11.57 6.32 -14.95
N THR B 100 10.77 7.39 -14.87
CA THR B 100 9.84 7.81 -15.96
C THR B 100 9.82 9.35 -16.02
N TRP B 101 9.64 9.89 -17.22
CA TRP B 101 9.79 11.35 -17.42
C TRP B 101 8.64 12.09 -16.74
N ASN B 102 7.41 11.56 -16.80
CA ASN B 102 6.26 12.16 -16.09
C ASN B 102 6.56 12.26 -14.59
N SER B 103 7.14 11.24 -14.00
CA SER B 103 7.43 11.21 -12.55
C SER B 103 8.53 12.22 -12.25
N LYS B 104 9.63 12.21 -13.01
CA LYS B 104 10.72 13.18 -12.71
C LYS B 104 10.20 14.58 -13.03
N LEU B 105 9.29 14.74 -14.00
CA LEU B 105 8.66 16.06 -14.28
C LEU B 105 7.97 16.57 -13.01
N ALA B 106 7.14 15.73 -12.44
CA ALA B 106 6.39 16.07 -11.21
C ALA B 106 7.37 16.41 -10.10
N GLY B 107 8.37 15.53 -9.95
CA GLY B 107 9.40 15.62 -8.90
C GLY B 107 10.09 16.95 -8.94
N GLU B 108 10.54 17.34 -10.13
CA GLU B 108 11.35 18.56 -10.32
C GLU B 108 10.49 19.77 -9.91
N VAL B 109 9.23 19.80 -10.33
CA VAL B 109 8.32 20.96 -10.02
C VAL B 109 8.16 21.02 -8.50
N ILE B 110 7.91 19.87 -7.89
CA ILE B 110 7.65 19.78 -6.44
C ILE B 110 8.91 20.24 -5.68
N LYS B 111 10.11 19.82 -6.13
CA LYS B 111 11.40 20.20 -5.51
C LYS B 111 11.49 21.72 -5.53
N ASN B 112 11.20 22.34 -6.67
CA ASN B 112 11.34 23.81 -6.87
C ASN B 112 10.35 24.51 -5.94
N TYR B 113 9.09 24.06 -5.91
CA TYR B 113 8.03 24.78 -5.17
C TYR B 113 8.34 24.66 -3.68
N LEU B 114 8.95 23.55 -3.25
CA LEU B 114 9.27 23.37 -1.81
C LEU B 114 10.38 24.35 -1.42
N GLU B 115 11.46 24.43 -2.22
CA GLU B 115 12.63 25.28 -1.90
C GLU B 115 12.21 26.74 -1.99
N GLU B 116 11.18 27.06 -2.78
CA GLU B 116 10.64 28.45 -2.87
C GLU B 116 9.82 28.75 -1.61
N GLU B 117 9.19 27.74 -1.03
CA GLU B 117 8.35 27.87 0.19
C GLU B 117 9.26 27.90 1.43
N GLY B 118 10.53 27.54 1.26
CA GLY B 118 11.56 27.58 2.32
C GLY B 118 11.77 26.23 2.99
N ILE B 119 11.57 25.13 2.25
CA ILE B 119 11.67 23.72 2.75
C ILE B 119 12.81 23.01 2.00
N LYS B 120 13.84 22.54 2.74
CA LYS B 120 14.94 21.69 2.20
C LYS B 120 14.32 20.41 1.66
N SER B 121 14.69 19.98 0.44
CA SER B 121 14.13 18.77 -0.24
C SER B 121 15.25 18.06 -0.99
N GLU B 122 15.06 16.80 -1.37
CA GLU B 122 16.06 16.10 -2.20
C GLU B 122 15.40 15.01 -3.05
N LEU B 123 15.65 15.08 -4.36
CA LEU B 123 15.10 14.15 -5.37
C LEU B 123 15.92 12.87 -5.31
N ALA B 124 15.45 11.83 -5.96
CA ALA B 124 16.09 10.50 -6.05
C ALA B 124 15.32 9.73 -7.09
N THR B 125 15.94 8.78 -7.78
CA THR B 125 15.25 8.04 -8.85
C THR B 125 15.55 6.54 -8.74
N VAL B 126 14.54 5.69 -8.54
CA VAL B 126 14.77 4.22 -8.53
C VAL B 126 14.87 3.77 -9.99
N LYS B 127 16.11 3.61 -10.49
CA LYS B 127 16.43 3.55 -11.95
C LYS B 127 15.81 2.29 -12.57
N SER B 128 15.54 1.26 -11.76
CA SER B 128 15.04 -0.07 -12.21
C SER B 128 13.51 -0.06 -12.33
N ILE B 129 12.96 0.81 -13.19
CA ILE B 129 11.50 1.06 -13.25
C ILE B 129 10.92 0.86 -14.66
N SER B 130 10.33 -0.33 -14.83
CA SER B 130 9.52 -0.82 -15.98
C SER B 130 8.76 -2.08 -15.54
N SER B 131 7.83 -2.59 -16.38
CA SER B 131 6.82 -3.61 -15.97
C SER B 131 7.34 -5.04 -16.10
N GLU B 132 8.04 -5.32 -17.20
CA GLU B 132 8.18 -6.64 -17.88
C GLU B 132 8.60 -7.71 -16.86
N GLU B 133 9.75 -7.52 -16.22
CA GLU B 133 10.23 -8.36 -15.09
C GLU B 133 11.24 -7.51 -14.29
N THR B 134 10.98 -6.20 -14.16
CA THR B 134 11.90 -5.26 -13.47
C THR B 134 11.17 -4.56 -12.33
N PHE B 135 9.83 -4.56 -12.36
CA PHE B 135 9.07 -3.73 -11.42
C PHE B 135 9.31 -4.22 -9.99
N HIS B 136 9.33 -5.54 -9.79
CA HIS B 136 9.56 -6.17 -8.45
C HIS B 136 10.98 -5.86 -7.95
N GLU B 137 11.96 -5.79 -8.86
CA GLU B 137 13.36 -5.45 -8.50
C GLU B 137 13.42 -3.97 -8.09
N GLY B 138 12.59 -3.13 -8.71
CA GLY B 138 12.54 -1.67 -8.47
C GLY B 138 12.02 -1.34 -7.08
N ILE B 139 10.95 -2.01 -6.66
CA ILE B 139 10.37 -1.76 -5.32
C ILE B 139 11.30 -2.40 -4.27
N GLU B 140 11.98 -3.50 -4.63
CA GLU B 140 13.06 -4.10 -3.79
C GLU B 140 14.12 -3.02 -3.54
N ASP B 141 14.51 -2.31 -4.61
CA ASP B 141 15.58 -1.28 -4.56
C ASP B 141 15.11 -0.08 -3.74
N LEU B 142 13.89 0.40 -3.97
CA LEU B 142 13.34 1.57 -3.23
C LEU B 142 13.30 1.24 -1.73
N PHE B 143 12.85 0.02 -1.39
CA PHE B 143 12.78 -0.53 -0.01
C PHE B 143 14.18 -0.53 0.61
N ASP B 144 15.19 -0.97 -0.15
CA ASP B 144 16.62 -0.98 0.30
C ASP B 144 17.05 0.42 0.67
N LYS B 145 16.65 1.41 -0.14
CA LYS B 145 17.07 2.83 -0.02
C LYS B 145 16.42 3.43 1.23
N VAL B 146 15.10 3.28 1.32
CA VAL B 146 14.28 4.06 2.27
C VAL B 146 14.50 3.47 3.67
N ILE B 147 14.79 2.17 3.78
CA ILE B 147 15.26 1.53 5.05
C ILE B 147 16.43 2.35 5.62
N TYR B 148 17.43 2.60 4.78
CA TYR B 148 18.70 3.22 5.20
C TYR B 148 18.42 4.58 5.85
N LYS B 149 17.64 5.46 5.20
CA LYS B 149 17.43 6.87 5.67
C LYS B 149 16.89 6.81 7.10
N ILE B 150 15.93 5.90 7.33
CA ILE B 150 15.19 5.77 8.62
C ILE B 150 16.22 5.46 9.69
N LEU B 151 17.12 4.50 9.39
CA LEU B 151 18.14 4.02 10.35
C LEU B 151 19.09 5.17 10.63
N LYS B 152 19.53 5.85 9.57
CA LYS B 152 20.51 6.95 9.63
C LYS B 152 19.99 8.03 10.58
N PHE B 153 18.81 8.61 10.32
CA PHE B 153 18.36 9.81 11.07
C PHE B 153 17.93 9.37 12.46
N LYS B 154 17.43 8.14 12.60
CA LYS B 154 16.98 7.60 13.90
C LYS B 154 18.22 7.36 14.78
N GLU B 155 19.35 6.95 14.20
CA GLU B 155 20.63 6.75 14.93
C GLU B 155 21.16 8.13 15.37
N GLU B 156 21.04 9.14 14.51
CA GLU B 156 21.54 10.51 14.78
C GLU B 156 20.75 11.10 15.96
N GLY B 157 19.44 10.82 16.04
CA GLY B 157 18.50 11.35 17.06
C GLY B 157 17.57 12.38 16.46
N LYS B 158 17.28 12.24 15.16
CA LYS B 158 16.27 13.06 14.46
C LYS B 158 15.06 12.16 14.17
N GLU B 159 13.87 12.75 14.24
CA GLU B 159 12.62 12.04 13.99
C GLU B 159 12.46 11.85 12.48
N VAL B 160 11.64 10.88 12.10
CA VAL B 160 11.37 10.52 10.67
C VAL B 160 9.90 10.12 10.52
N TYR B 161 9.29 10.65 9.45
CA TYR B 161 7.85 10.60 9.14
C TYR B 161 7.69 10.12 7.69
N ILE B 162 6.76 9.18 7.46
CA ILE B 162 6.54 8.60 6.10
C ILE B 162 5.16 8.98 5.50
N ASN B 163 5.26 9.65 4.35
CA ASN B 163 4.15 10.06 3.45
C ASN B 163 3.85 8.87 2.53
N ALA B 164 2.92 8.03 2.98
CA ALA B 164 2.43 6.83 2.28
C ALA B 164 1.30 7.22 1.32
N THR B 165 1.08 8.52 1.08
CA THR B 165 -0.05 8.99 0.26
C THR B 165 0.21 8.76 -1.23
N ALA B 166 1.36 9.17 -1.70
CA ALA B 166 1.61 9.40 -3.13
C ALA B 166 2.45 8.27 -3.74
N GLY B 167 2.39 8.13 -5.07
CA GLY B 167 3.11 7.13 -5.87
C GLY B 167 2.27 5.89 -6.06
N LEU B 168 2.78 4.92 -6.81
CA LEU B 168 2.03 3.67 -7.11
C LEU B 168 1.81 2.89 -5.82
N LYS B 169 0.80 2.00 -5.82
CA LYS B 169 0.44 1.17 -4.62
C LYS B 169 1.73 0.52 -4.06
N PRO B 170 2.48 -0.34 -4.78
CA PRO B 170 3.62 -1.04 -4.17
C PRO B 170 4.63 -0.09 -3.52
N GLU B 171 4.89 1.01 -4.20
CA GLU B 171 5.77 2.12 -3.78
C GLU B 171 5.33 2.63 -2.40
N THR B 172 4.03 2.84 -2.19
CA THR B 172 3.45 3.32 -0.90
C THR B 172 3.42 2.17 0.11
N THR B 173 3.15 0.94 -0.29
CA THR B 173 3.02 -0.21 0.66
C THR B 173 4.40 -0.45 1.30
N PHE B 174 5.45 -0.48 0.48
CA PHE B 174 6.84 -0.75 0.95
C PHE B 174 7.38 0.47 1.69
N LEU B 175 6.91 1.67 1.37
CA LEU B 175 7.32 2.87 2.13
C LEU B 175 6.84 2.75 3.58
N THR B 176 5.63 2.19 3.81
CA THR B 176 5.08 2.07 5.19
C THR B 176 5.73 0.85 5.83
N LEU B 177 6.00 -0.21 5.07
CA LEU B 177 6.57 -1.47 5.63
C LEU B 177 7.93 -1.17 6.25
N ALA B 178 8.76 -0.45 5.47
CA ALA B 178 10.13 -0.02 5.84
C ALA B 178 10.02 0.80 7.11
N GLY B 179 9.08 1.74 7.11
CA GLY B 179 8.87 2.61 8.28
C GLY B 179 8.60 1.78 9.52
N LEU B 180 7.67 0.83 9.40
CA LEU B 180 7.25 -0.04 10.52
C LEU B 180 8.45 -0.82 11.02
N LEU B 181 9.23 -1.40 10.10
CA LEU B 181 10.43 -2.22 10.43
C LEU B 181 11.49 -1.32 11.09
N ALA B 182 11.93 -0.27 10.41
CA ALA B 182 13.11 0.53 10.82
C ALA B 182 12.72 1.52 11.92
N GLY B 183 11.50 1.50 12.40
CA GLY B 183 11.14 2.24 13.63
C GLY B 183 10.93 3.72 13.41
N ALA B 184 10.33 4.12 12.30
CA ALA B 184 9.94 5.52 12.04
C ALA B 184 8.90 5.98 13.07
N ASP B 185 8.93 7.26 13.42
CA ASP B 185 8.00 7.88 14.40
C ASP B 185 6.54 7.70 13.96
N LEU B 186 6.24 8.05 12.70
CA LEU B 186 4.89 8.01 12.15
C LEU B 186 4.92 7.52 10.70
N VAL B 187 3.79 6.97 10.29
CA VAL B 187 3.36 6.82 8.88
C VAL B 187 1.99 7.52 8.74
N TYR B 188 1.90 8.59 7.95
CA TYR B 188 0.66 9.38 7.72
C TYR B 188 0.16 9.15 6.29
N TYR B 189 -1.14 9.35 6.09
CA TYR B 189 -1.82 9.19 4.78
C TYR B 189 -2.99 10.15 4.70
N LYS B 190 -3.20 10.77 3.55
CA LYS B 190 -4.31 11.71 3.33
C LYS B 190 -5.01 11.37 2.00
N TYR B 191 -6.24 10.91 2.11
CA TYR B 191 -7.18 10.75 0.99
C TYR B 191 -7.47 12.12 0.39
N GLN B 192 -7.79 12.15 -0.91
CA GLN B 192 -7.92 13.43 -1.67
C GLN B 192 -9.07 14.25 -0.98
N GLU B 193 -10.13 13.65 -0.35
CA GLU B 193 -11.29 14.38 0.25
C GLU B 193 -11.17 14.56 1.79
N PHE B 194 -10.11 14.08 2.43
CA PHE B 194 -9.88 14.31 3.89
C PHE B 194 -9.54 15.78 4.18
N ASN B 195 -9.81 16.23 5.40
CA ASN B 195 -9.57 17.62 5.83
C ASN B 195 -8.09 17.83 6.09
N ASP B 196 -7.50 16.91 6.85
CA ASP B 196 -6.05 16.84 7.15
C ASP B 196 -5.60 15.38 7.11
N VAL B 197 -4.36 15.10 7.48
CA VAL B 197 -3.75 13.77 7.33
C VAL B 197 -4.17 12.87 8.50
N VAL B 198 -4.14 11.55 8.32
CA VAL B 198 -4.48 10.53 9.38
C VAL B 198 -3.27 9.60 9.58
N PHE B 199 -3.07 9.09 10.80
CA PHE B 199 -1.86 8.29 11.16
C PHE B 199 -2.22 6.80 11.17
N LEU B 200 -1.49 6.00 10.41
CA LEU B 200 -1.79 4.58 10.19
C LEU B 200 -1.41 3.75 11.41
N PRO B 201 -2.19 2.69 11.75
CA PRO B 201 -1.85 1.86 12.90
C PRO B 201 -0.53 1.10 12.70
N SER B 202 0.13 0.78 13.81
CA SER B 202 1.48 0.16 13.85
C SER B 202 1.46 -1.14 14.65
N PRO B 203 1.44 -2.29 13.95
CA PRO B 203 1.84 -3.55 14.57
C PRO B 203 3.35 -3.60 14.79
N PRO B 204 3.83 -4.17 15.90
CA PRO B 204 5.26 -4.36 16.12
C PRO B 204 5.82 -5.49 15.24
N ILE B 205 6.55 -5.16 14.19
CA ILE B 205 6.92 -6.11 13.10
C ILE B 205 8.44 -6.16 12.93
N THR B 206 9.00 -7.36 12.67
CA THR B 206 10.42 -7.57 12.26
C THR B 206 10.53 -8.70 11.24
N ILE B 207 11.73 -8.93 10.71
CA ILE B 207 12.05 -10.09 9.84
C ILE B 207 12.08 -11.33 10.75
N SER B 208 11.37 -12.40 10.40
CA SER B 208 11.15 -13.57 11.30
C SER B 208 12.50 -14.10 11.78
N PRO B 209 12.66 -14.37 13.09
CA PRO B 209 13.95 -14.82 13.63
C PRO B 209 14.50 -16.12 13.01
N ARG B 210 13.63 -16.97 12.45
CA ARG B 210 14.04 -18.27 11.84
C ARG B 210 14.94 -18.01 10.62
N TYR B 211 14.59 -17.00 9.84
CA TYR B 211 15.38 -16.54 8.67
C TYR B 211 16.52 -15.66 9.18
N LEU B 212 16.28 -14.84 10.21
CA LEU B 212 17.27 -13.89 10.76
C LEU B 212 18.51 -14.68 11.24
N GLU B 213 18.30 -15.81 11.91
CA GLU B 213 19.42 -16.60 12.46
C GLU B 213 20.23 -17.20 11.32
N TRP B 214 19.62 -17.56 10.19
CA TRP B 214 20.37 -18.07 9.01
C TRP B 214 21.13 -16.91 8.34
N LEU B 215 20.69 -15.68 8.53
CA LEU B 215 21.28 -14.52 7.81
C LEU B 215 22.52 -14.08 8.56
N ILE B 216 22.50 -14.19 9.90
CA ILE B 216 23.70 -13.86 10.74
C ILE B 216 24.83 -14.80 10.30
N GLU B 217 24.55 -16.09 10.14
CA GLU B 217 25.63 -17.06 9.87
C GLU B 217 26.15 -16.84 8.44
N PHE B 218 25.35 -16.29 7.52
CA PHE B 218 25.83 -16.02 6.14
C PHE B 218 26.89 -14.93 6.21
N ALA B 219 26.65 -13.89 7.01
CA ALA B 219 27.50 -12.67 7.15
C ALA B 219 28.93 -13.06 7.55
N ASN B 220 29.05 -14.10 8.38
CA ASN B 220 30.33 -14.53 9.01
C ASN B 220 31.27 -15.12 7.95
N TYR B 221 30.78 -15.45 6.75
CA TYR B 221 31.59 -16.11 5.68
C TYR B 221 31.52 -15.28 4.38
N GLY B 222 31.49 -13.94 4.52
CA GLY B 222 31.97 -12.99 3.50
C GLY B 222 31.12 -12.94 2.26
N TYR B 223 30.01 -13.69 2.22
CA TYR B 223 28.93 -13.71 1.17
C TYR B 223 29.46 -14.33 -0.12
N THR B 224 28.58 -14.41 -1.13
CA THR B 224 28.87 -14.94 -2.50
C THR B 224 29.18 -16.44 -2.40
N LEU B 225 28.16 -17.30 -2.54
CA LEU B 225 28.33 -18.77 -2.48
C LEU B 225 27.70 -19.42 -3.72
N SER B 226 27.92 -20.73 -3.91
CA SER B 226 27.22 -21.58 -4.92
C SER B 226 26.72 -22.86 -4.25
N GLU B 227 27.62 -23.81 -4.01
CA GLU B 227 27.29 -25.16 -3.51
C GLU B 227 28.40 -25.61 -2.57
N LYS B 228 28.32 -26.83 -2.06
CA LYS B 228 29.15 -27.45 -0.99
C LYS B 228 28.89 -26.74 0.34
N LYS B 229 29.24 -25.45 0.47
CA LYS B 229 29.11 -24.73 1.76
C LYS B 229 27.82 -23.92 1.73
N ALA B 230 26.94 -24.25 0.79
CA ALA B 230 25.68 -23.53 0.50
C ALA B 230 24.66 -23.81 1.60
N GLU B 231 24.73 -24.96 2.27
CA GLU B 231 23.86 -25.27 3.44
C GLU B 231 24.72 -25.70 4.63
N GLU B 232 25.76 -24.94 4.95
CA GLU B 232 26.73 -25.36 6.00
C GLU B 232 26.18 -25.13 7.42
N LEU B 233 25.23 -24.21 7.60
CA LEU B 233 24.57 -23.99 8.93
C LEU B 233 23.04 -24.00 8.77
N GLY B 234 22.53 -24.45 7.60
CA GLY B 234 21.10 -24.62 7.31
C GLY B 234 20.52 -23.46 6.50
N ILE B 235 21.21 -23.02 5.44
CA ILE B 235 20.79 -21.84 4.63
C ILE B 235 20.47 -22.29 3.21
N PRO B 236 19.18 -22.40 2.85
CA PRO B 236 18.78 -22.63 1.47
C PRO B 236 18.80 -21.31 0.67
N VAL B 237 19.78 -21.11 -0.22
CA VAL B 237 20.11 -19.77 -0.81
C VAL B 237 19.27 -19.54 -2.08
N ARG B 238 18.96 -20.59 -2.86
CA ARG B 238 18.16 -20.41 -4.09
C ARG B 238 16.69 -20.75 -3.81
N LEU B 239 16.34 -21.07 -2.56
CA LEU B 239 14.95 -21.46 -2.18
C LEU B 239 14.42 -20.46 -1.15
N LEU B 240 14.80 -20.59 0.12
CA LEU B 240 14.23 -19.76 1.21
C LEU B 240 14.77 -18.33 1.08
N GLU B 241 16.05 -18.15 0.72
CA GLU B 241 16.66 -16.80 0.64
C GLU B 241 16.53 -16.28 -0.79
N VAL B 242 15.73 -16.91 -1.65
CA VAL B 242 15.27 -16.31 -2.93
C VAL B 242 14.00 -15.47 -2.70
N ARG B 243 13.47 -15.42 -1.47
CA ARG B 243 12.49 -14.42 -1.01
C ARG B 243 13.12 -13.03 -0.82
N ASN B 244 13.81 -12.52 -1.85
CA ASN B 244 14.39 -11.15 -1.99
C ASN B 244 15.52 -10.82 -1.01
N LEU B 245 16.01 -11.81 -0.26
CA LEU B 245 17.04 -11.62 0.80
C LEU B 245 18.45 -11.84 0.22
N VAL B 246 18.57 -12.51 -0.93
CA VAL B 246 19.87 -12.74 -1.63
C VAL B 246 19.81 -12.28 -3.09
N GLU B 247 20.90 -11.67 -3.57
CA GLU B 247 20.97 -10.99 -4.88
C GLU B 247 21.58 -11.95 -5.92
N ARG B 248 21.00 -11.94 -7.13
CA ARG B 248 21.43 -12.71 -8.33
C ARG B 248 21.13 -14.20 -8.12
N LYS B 249 21.95 -14.88 -7.32
CA LYS B 249 21.74 -16.26 -6.78
C LYS B 249 21.71 -17.32 -7.88
N GLY B 250 20.84 -17.22 -8.90
CA GLY B 250 20.63 -18.25 -9.93
C GLY B 250 21.65 -18.18 -11.06
N GLU B 251 22.24 -16.99 -11.26
CA GLU B 251 23.29 -16.70 -12.27
C GLU B 251 24.57 -16.29 -11.53
N ASP B 252 25.74 -16.43 -12.18
CA ASP B 252 27.09 -16.14 -11.61
C ASP B 252 27.16 -16.77 -10.21
N ALA B 253 27.16 -15.92 -9.16
CA ALA B 253 27.28 -16.30 -7.73
C ALA B 253 26.01 -15.91 -6.96
N TYR B 254 26.00 -16.18 -5.65
CA TYR B 254 24.87 -15.95 -4.72
C TYR B 254 25.33 -15.01 -3.60
N ARG B 255 25.13 -13.70 -3.78
CA ARG B 255 25.59 -12.68 -2.79
C ARG B 255 24.43 -12.19 -1.92
N LEU B 256 24.72 -11.76 -0.70
CA LEU B 256 23.71 -11.25 0.26
C LEU B 256 23.47 -9.76 -0.01
N LYS B 257 22.32 -9.24 0.43
CA LYS B 257 21.82 -7.88 0.09
C LYS B 257 22.45 -6.83 1.01
N ASP B 258 22.72 -5.63 0.45
CA ASP B 258 23.47 -4.55 1.16
C ASP B 258 22.62 -3.97 2.29
N TRP B 259 21.29 -4.07 2.23
CA TRP B 259 20.43 -3.56 3.32
C TRP B 259 20.42 -4.56 4.48
N VAL B 260 20.39 -5.86 4.17
CA VAL B 260 20.26 -6.90 5.25
C VAL B 260 21.57 -6.93 6.02
N ARG B 261 22.71 -6.74 5.35
CA ARG B 261 24.05 -6.67 6.00
C ARG B 261 24.03 -5.51 6.99
N LYS B 262 23.52 -4.34 6.60
CA LYS B 262 23.51 -3.14 7.47
C LYS B 262 22.45 -3.33 8.57
N MET B 263 21.39 -4.12 8.34
CA MET B 263 20.27 -4.27 9.31
C MET B 263 20.68 -5.24 10.42
N LEU B 264 21.51 -6.25 10.13
CA LEU B 264 22.02 -7.17 11.18
C LEU B 264 22.90 -6.37 12.17
N GLY B 265 23.63 -5.37 11.68
CA GLY B 265 24.45 -4.47 12.52
C GLY B 265 23.59 -3.60 13.44
N ILE B 266 22.45 -3.15 12.91
CA ILE B 266 21.56 -2.14 13.57
C ILE B 266 20.72 -2.85 14.64
N TYR B 267 20.54 -4.17 14.54
CA TYR B 267 19.80 -4.93 15.58
C TYR B 267 20.83 -5.62 16.49
N LEU B 268 21.92 -4.91 16.82
CA LEU B 268 22.94 -5.19 17.88
C LEU B 268 23.82 -6.40 17.50
N GLY B 269 24.57 -6.28 16.40
CA GLY B 269 25.59 -7.25 15.98
C GLY B 269 25.87 -7.15 14.49
#